data_7DWU
#
_entry.id   7DWU
#
loop_
_entity.id
_entity.type
_entity.pdbx_description
1 polymer 'envelope protein'
2 polymer 'Anti-dengue virus human monoclonal antibody 1C19 Fab heavy chain'
3 polymer 'Anti-dengue virus human monoclonal antibody 1C19 Fab light chain'
#
loop_
_entity_poly.entity_id
_entity_poly.type
_entity_poly.pdbx_seq_one_letter_code
_entity_poly.pdbx_strand_id
1 'polypeptide(L)'
;MRCVGIGNRDFVEGLSGATWVDVVLEHGSCVTTMAKDKPTLDIELLKTEVTNPAVLRKLCIEAKISNTTTDSRCPTQGEA
TLVEEQDTNFVCRRTFVDRGWGNGCGLFGKGSLITCAKFKCVTKLEGKIVQYENLKYSVIVTVHTGDQHQVGNETTEHGT
IATITPQAPTSEIQLTDYGALTLDCSPRTGLDFNEMVLLTMEKKSWLVHKQWFLDLPLPWTSGASTSQETWNRQDLLVTF
KTAHAKKQEVVVLGSQEGAMHTALTGATEIQTSGTTTIFAGHLKCRLKMDKLTLKGMSYVMCTGSFKLEKEVAETQHGTV
LVQVKYEGTDAPCKIPFSSQDEKGVTQNGRLITANPIVTDKEKPVNIEAEPPFGESYIVVGAGEKALKLSWFKKGSSIGK
MFEATARGARRMAILGDTAWDFGSIGGVFTSVGKLIHQIFGTAYGVLFSGVSWTMKIGIGILLTWLGLNSRSTSLSMTCI
AVGMVTLYLGVMVQA
;
A,B,C
2 'polypeptide(L)'
;QVQLVESGGGVVQPGRSLRLSCAASGFIFSNYGMHWVRQAPGKGLEWVAVISYDGSDKRYADSVRGRFTISRDNSKNTLF
LQVTSLRAEDTAVYYCAKELSGYDPGFEYWGQGTPVTVSS
;
H
3 'polypeptide(L)'
;DIQMTQSPSTLSASVGDRVTITCRASQSINTWLAWYQQKPGKAPKLLIYKASSLESGVPSRFSGSGSGTEFTLTISSLQP
DDFATYYCQQYESYATFGQGTKVDIK
;
L
#
# COMPACT_ATOMS: atom_id res chain seq x y z
CA MET A 1 20.51 5.96 -31.62
CA ARG A 2 20.20 3.45 -28.73
CA CYS A 3 17.27 5.51 -27.27
CA VAL A 4 14.76 4.60 -30.12
CA GLY A 5 12.10 1.89 -30.13
CA ILE A 6 10.33 3.58 -27.15
CA GLY A 7 9.39 6.70 -29.21
CA ASN A 8 8.40 10.15 -27.69
CA ARG A 9 12.06 10.98 -26.62
CA ASP A 10 13.75 14.35 -26.10
CA PHE A 11 16.44 15.84 -28.23
CA VAL A 12 18.59 18.44 -26.37
CA GLU A 13 21.28 20.85 -27.38
CA GLY A 14 23.05 21.52 -24.11
CA LEU A 15 26.71 21.87 -23.04
CA SER A 16 25.41 24.78 -20.98
CA GLY A 17 27.93 26.64 -18.83
CA ALA A 18 30.50 24.84 -20.95
CA THR A 19 30.62 21.89 -18.46
CA TRP A 20 27.46 20.16 -17.57
CA VAL A 21 23.77 19.61 -18.44
CA ASP A 22 20.53 18.81 -16.48
CA VAL A 23 18.73 16.17 -18.67
CA VAL A 24 15.61 14.28 -17.53
CA LEU A 25 14.38 10.71 -17.78
CA GLU A 26 10.57 10.12 -17.59
CA HIS A 27 10.94 6.40 -18.14
CA GLY A 28 8.87 6.63 -21.36
CA SER A 29 11.66 8.75 -22.90
CA CYS A 30 15.44 8.62 -23.17
CA VAL A 31 17.65 11.46 -24.09
CA THR A 32 19.92 11.99 -27.02
CA THR A 33 22.21 14.90 -26.12
CA MET A 34 25.13 17.12 -26.98
CA ALA A 35 25.41 20.85 -28.18
CA LYS A 36 28.16 21.30 -30.78
CA ASP A 37 30.33 18.63 -32.26
CA LYS A 38 31.60 15.60 -30.34
CA PRO A 39 30.58 11.81 -30.46
CA THR A 40 27.12 12.50 -28.91
CA LEU A 41 25.57 10.46 -26.20
CA ASP A 42 22.57 8.16 -25.60
CA ILE A 43 21.58 8.38 -21.88
CA GLU A 44 19.22 5.85 -20.22
CA LEU A 45 18.16 4.72 -16.72
CA LEU A 46 17.66 0.93 -15.85
CA LYS A 47 17.09 -0.11 -12.33
CA THR A 48 17.17 1.80 -9.00
CA GLU A 49 18.30 -0.77 -6.57
CA VAL A 50 17.22 -0.20 -2.96
CA THR A 51 19.97 -1.89 -1.09
CA ASN A 52 20.47 -2.27 2.83
CA PRO A 53 16.68 -2.32 3.27
CA ALA A 54 14.94 -0.94 6.16
CA VAL A 55 11.92 -3.04 6.86
CA LEU A 56 9.09 -1.75 9.06
CA ARG A 57 6.04 -3.23 10.65
CA LYS A 58 5.32 -5.60 7.80
CA LEU A 59 1.91 -7.10 6.83
CA CYS A 60 0.53 -10.58 6.67
CA ILE A 61 -1.89 -11.91 3.95
CA GLU A 62 -2.45 -15.56 4.69
CA ALA A 63 -3.78 -15.60 8.18
CA LYS A 64 -4.81 -18.98 9.56
CA ILE A 65 -6.75 -20.06 12.66
CA SER A 66 -6.23 -22.96 15.14
CA ASN A 67 -7.59 -24.65 18.34
CA THR A 68 -10.83 -22.35 18.24
CA THR A 69 -12.10 -22.35 21.85
CA THR A 70 -15.05 -20.78 23.68
CA ASP A 71 -16.26 -20.21 27.33
CA SER A 72 -19.11 -18.16 28.63
CA ARG A 73 -20.44 -16.60 31.88
CA CYS A 74 -24.19 -15.83 32.70
CA PRO A 75 -25.14 -12.16 33.50
CA THR A 76 -23.73 -10.69 36.68
CA GLN A 77 -21.24 -13.36 37.38
CA GLY A 78 -18.27 -11.61 35.85
CA GLU A 79 -17.18 -11.74 32.15
CA ALA A 80 -15.97 -14.78 30.21
CA THR A 81 -12.30 -15.32 30.22
CA LEU A 82 -10.10 -18.37 29.29
CA VAL A 83 -6.41 -19.63 29.81
CA GLU A 84 -5.53 -18.75 26.20
CA GLU A 85 -5.68 -14.96 26.89
CA GLN A 86 -2.22 -15.13 28.39
CA ASP A 87 -0.67 -15.54 24.89
CA THR A 88 -0.20 -12.45 22.82
CA ASN A 89 -0.39 -14.34 19.51
CA PHE A 90 -4.06 -15.40 19.30
CA VAL A 91 -7.18 -13.67 18.11
CA CYS A 92 -9.47 -13.36 21.09
CA ARG A 93 -12.89 -11.67 20.85
CA ARG A 94 -15.39 -10.92 23.67
CA THR A 95 -18.94 -11.31 22.54
CA PHE A 96 -22.63 -11.77 23.74
CA VAL A 97 -24.94 -14.77 23.60
CA ASP A 98 -28.67 -15.33 24.55
CA ARG A 99 -29.42 -17.22 27.65
CA GLY A 100 -32.28 -19.06 29.50
CA TRP A 101 -32.87 -22.16 31.62
CA GLY A 102 -30.65 -23.97 29.19
CA ASN A 103 -27.40 -22.07 30.14
CA GLY A 104 -27.63 -22.92 33.95
CA CYS A 105 -29.15 -19.62 35.02
CA GLY A 106 -32.42 -18.30 36.54
CA LEU A 107 -31.92 -14.51 35.74
CA PHE A 108 -31.86 -15.14 31.96
CA GLY A 109 -31.15 -12.11 29.81
CA LYS A 110 -28.17 -12.22 27.41
CA GLY A 111 -24.76 -13.01 28.99
CA SER A 112 -21.14 -13.00 27.85
CA LEU A 113 -18.96 -15.33 25.83
CA ILE A 114 -15.41 -15.14 24.89
CA THR A 115 -13.45 -17.02 22.10
CA CYS A 116 -9.79 -17.80 21.93
CA ALA A 117 -8.41 -19.11 18.68
CA LYS A 118 -4.54 -19.40 18.12
CA PHE A 119 -3.22 -17.42 15.18
CA LYS A 120 -0.58 -18.56 12.77
CA CYS A 121 0.30 -17.21 9.41
CA VAL A 122 2.29 -17.61 6.20
CA THR A 123 3.50 -15.01 3.73
CA LYS A 124 4.33 -11.43 4.62
CA LEU A 125 4.05 -8.49 2.17
CA GLU A 126 7.09 -6.78 3.84
CA GLY A 127 6.88 -2.98 3.90
CA LYS A 128 10.25 -1.54 3.12
CA ILE A 129 11.26 2.15 3.11
CA VAL A 130 13.22 3.51 0.19
CA GLN A 131 15.80 5.79 2.10
CA TYR A 132 18.10 8.57 0.92
CA GLU A 133 21.46 7.09 1.91
CA ASN A 134 21.15 3.61 0.39
CA LEU A 135 19.46 3.97 -3.01
CA LYS A 136 22.20 3.15 -5.53
CA TYR A 137 21.01 3.88 -9.12
CA SER A 138 22.31 2.01 -12.23
CA VAL A 139 22.73 4.09 -15.39
CA ILE A 140 23.55 2.97 -18.89
CA VAL A 141 25.27 5.29 -21.32
CA THR A 142 25.96 4.49 -25.09
CA VAL A 143 27.76 6.48 -27.82
CA HIS A 144 26.14 7.40 -31.20
CA THR A 145 28.90 5.41 -33.10
CA GLY A 146 27.02 2.07 -33.67
CA ASP A 147 30.09 0.05 -32.68
CA GLN A 148 29.90 -3.68 -31.99
CA HIS A 149 27.43 -2.97 -29.28
CA GLN A 150 25.03 -2.11 -32.13
CA VAL A 151 21.32 -1.73 -31.31
CA GLY A 152 19.41 -3.46 -28.38
CA ASN A 153 22.30 -5.81 -27.54
CA GLU A 154 23.23 -5.32 -23.91
CA THR A 155 25.37 -8.37 -23.42
CA THR A 156 28.22 -7.58 -20.84
CA GLU A 157 29.73 -4.07 -20.76
CA HIS A 158 28.74 -1.93 -23.76
CA GLY A 159 29.27 1.81 -23.45
CA THR A 160 29.67 0.95 -19.65
CA ILE A 161 26.93 0.44 -17.01
CA ALA A 162 27.77 2.08 -13.77
CA THR A 163 26.28 2.74 -10.38
CA ILE A 164 25.73 6.08 -8.77
CA THR A 165 25.67 6.02 -5.00
CA PRO A 166 24.28 8.68 -2.52
CA GLN A 167 27.65 9.04 -0.71
CA ALA A 168 29.77 9.82 -3.79
CA PRO A 169 27.14 10.62 -6.53
CA THR A 170 29.91 12.14 -8.79
CA SER A 171 30.81 8.98 -10.65
CA GLU A 172 33.96 9.56 -12.77
CA ILE A 173 33.35 6.74 -15.25
CA GLN A 174 36.52 5.62 -17.11
CA LEU A 175 35.92 5.33 -20.90
CA THR A 176 38.75 4.14 -23.20
CA ASP A 177 39.68 6.37 -26.14
CA TYR A 178 37.32 9.10 -25.00
CA GLY A 179 38.43 10.10 -21.52
CA ALA A 180 36.18 9.80 -18.44
CA LEU A 181 32.61 10.86 -18.60
CA THR A 182 31.38 12.02 -15.26
CA LEU A 183 27.76 11.69 -14.23
CA ASP A 184 25.88 13.15 -11.26
CA CYS A 185 22.62 11.55 -9.79
CA SER A 186 21.87 12.55 -6.12
CA PRO A 187 19.20 9.72 -5.36
CA ARG A 188 16.83 11.69 -3.10
CA THR A 189 14.24 12.93 -5.64
CA GLY A 190 12.33 10.68 -8.13
CA LEU A 191 8.62 10.56 -6.96
CA ASP A 192 10.20 11.85 -3.69
CA PHE A 193 11.47 9.07 -1.38
CA ASN A 194 10.70 8.45 2.36
CA GLU A 195 7.12 9.20 1.35
CA MET A 196 6.74 5.97 -0.67
CA VAL A 197 6.44 2.51 0.78
CA LEU A 198 7.85 -0.42 -1.27
CA LEU A 199 5.60 -3.41 -1.06
CA THR A 200 5.84 -6.94 -2.59
CA MET A 201 2.52 -8.65 -3.52
CA GLU A 202 3.78 -12.21 -3.99
CA LYS A 203 4.87 -12.25 -7.80
CA LYS A 204 4.02 -8.57 -8.52
CA SER A 205 5.16 -5.46 -6.61
CA TRP A 206 4.03 -1.82 -6.37
CA LEU A 207 5.29 1.49 -4.73
CA VAL A 208 2.41 2.55 -2.50
CA HIS A 209 2.30 5.82 -0.62
CA LYS A 210 2.33 5.74 3.25
CA GLN A 211 -1.13 7.30 3.24
CA TRP A 212 -2.69 4.18 1.42
CA PHE A 213 -0.43 1.76 3.37
CA LEU A 214 -1.94 2.48 6.73
CA ASP A 215 -5.55 1.47 5.90
CA LEU A 216 -4.81 -2.04 4.82
CA PRO A 217 -6.59 -4.51 7.15
CA LEU A 218 -3.92 -7.16 7.44
CA PRO A 219 -2.10 -7.94 10.74
CA TRP A 220 0.84 -5.68 11.51
CA THR A 221 3.81 -7.22 13.28
CA SER A 222 6.02 -5.14 15.66
CA GLY A 223 8.93 -6.12 13.44
CA ALA A 224 8.74 -9.63 14.85
CA SER A 225 9.84 -12.37 12.38
CA THR A 226 11.82 -14.58 14.90
CA SER A 227 10.48 -17.64 16.74
CA GLN A 228 6.79 -17.06 15.58
CA GLU A 229 3.74 -16.81 17.68
CA THR A 230 4.81 -13.32 18.50
CA TRP A 231 1.98 -11.88 16.37
CA ASN A 232 0.43 -8.47 16.89
CA ARG A 233 -2.83 -6.72 15.71
CA GLN A 234 -4.21 -10.02 14.67
CA ASP A 235 -7.95 -8.87 14.62
CA LEU A 236 -7.51 -7.59 11.06
CA LEU A 237 -7.79 -10.92 9.36
CA VAL A 238 -10.25 -13.64 10.38
CA THR A 239 -13.79 -12.29 10.17
CA PHE A 240 -16.93 -12.98 12.24
CA LYS A 241 -20.24 -14.22 10.74
CA THR A 242 -22.48 -13.11 13.48
CA ALA A 243 -26.02 -13.84 11.93
CA HIS A 244 -29.08 -12.77 13.99
CA ALA A 245 -29.28 -12.90 17.84
CA LYS A 246 -27.67 -16.43 18.10
CA LYS A 247 -24.87 -18.41 16.51
CA GLN A 248 -21.55 -16.57 15.78
CA GLU A 249 -18.94 -18.35 13.74
CA VAL A 250 -15.44 -17.55 12.42
CA VAL A 251 -14.13 -17.16 8.82
CA VAL A 252 -10.57 -18.04 7.82
CA LEU A 253 -10.34 -16.03 4.54
CA GLY A 254 -6.73 -16.94 3.84
CA SER A 255 -5.85 -15.89 0.30
CA GLN A 256 -6.62 -12.37 -0.85
CA GLU A 257 -5.18 -12.19 -4.34
CA GLY A 258 -7.86 -9.65 -5.68
CA ALA A 259 -8.72 -7.51 -2.54
CA MET A 260 -5.34 -5.76 -2.49
CA HIS A 261 -5.03 -4.72 -6.19
CA THR A 262 -8.50 -3.37 -7.18
CA ALA A 263 -8.85 -1.07 -4.18
CA LEU A 264 -5.97 1.25 -5.12
CA THR A 265 -4.85 1.47 -8.77
CA GLY A 266 -3.20 4.88 -8.34
CA ALA A 267 0.05 3.62 -7.01
CA THR A 268 3.20 3.62 -9.20
CA GLU A 269 4.49 0.39 -10.60
CA ILE A 270 7.56 -1.56 -10.29
CA GLN A 271 8.70 -3.96 -13.03
CA THR A 272 8.85 -7.63 -11.90
CA SER A 273 12.61 -7.83 -12.62
CA GLY A 274 13.87 -5.59 -9.73
CA THR A 275 11.11 -5.85 -7.21
CA THR A 276 12.26 -2.46 -5.66
CA THR A 277 12.97 -0.42 -8.75
CA ILE A 278 11.38 2.78 -9.35
CA PHE A 279 9.87 4.04 -12.63
CA ALA A 280 7.00 6.27 -13.82
CA GLY A 281 8.61 9.30 -12.04
CA HIS A 282 10.41 12.28 -13.47
CA LEU A 283 13.91 11.63 -12.32
CA LYS A 284 16.50 14.08 -13.51
CA CYS A 285 20.31 13.30 -13.79
CA ARG A 286 23.23 15.56 -14.80
CA LEU A 287 25.67 14.84 -17.45
CA LYS A 288 29.13 16.45 -17.41
CA MET A 289 30.22 16.87 -20.96
CA ASP A 290 33.60 17.20 -22.43
CA LYS A 291 36.33 14.54 -21.87
CA LEU A 292 35.59 13.26 -25.44
CA THR A 293 37.87 13.01 -28.50
CA LEU A 294 37.44 14.77 -31.84
CA LYS A 295 39.27 11.86 -33.57
CA GLY A 296 39.50 12.14 -37.35
CA MET A 297 41.87 15.04 -38.10
CA SER A 298 45.29 14.49 -39.83
CA TYR A 299 44.28 11.19 -41.40
CA VAL A 300 42.77 12.80 -44.46
CA MET A 301 38.90 12.53 -44.37
CA CYS A 302 37.46 9.36 -45.92
CA THR A 303 39.42 6.60 -47.71
CA GLY A 304 38.17 3.73 -49.77
CA SER A 305 34.43 3.60 -50.51
CA PHE A 306 31.21 3.63 -48.48
CA LYS A 307 28.02 1.66 -49.56
CA LEU A 308 24.88 2.90 -47.68
CA GLU A 309 22.43 0.43 -46.31
CA LYS A 310 18.78 0.98 -45.48
CA GLU A 311 16.52 3.91 -46.41
CA VAL A 312 15.26 6.77 -44.14
CA ALA A 313 11.76 6.31 -42.74
CA GLU A 314 9.22 8.68 -41.25
CA THR A 315 10.39 8.56 -37.62
CA GLN A 316 10.75 11.14 -34.86
CA HIS A 317 11.89 14.47 -36.21
CA GLY A 318 12.92 12.52 -39.38
CA THR A 319 15.92 10.71 -37.92
CA VAL A 320 18.18 8.86 -40.45
CA LEU A 321 18.41 5.01 -40.55
CA VAL A 322 21.31 4.85 -43.04
CA GLN A 323 23.95 2.37 -41.88
CA VAL A 324 27.32 2.92 -43.36
CA LYS A 325 29.25 -0.33 -44.67
CA TYR A 326 32.77 1.04 -45.43
CA GLU A 327 34.95 -1.03 -47.92
CA GLY A 328 38.77 -0.76 -48.02
CA THR A 329 38.67 2.01 -45.35
CA ASP A 330 41.30 2.16 -42.60
CA ALA A 331 41.80 4.77 -39.74
CA PRO A 332 39.16 7.02 -38.06
CA CYS A 333 38.04 10.01 -40.00
CA LYS A 334 35.10 12.57 -39.80
CA ILE A 335 32.32 11.55 -42.23
CA PRO A 336 31.26 14.84 -43.94
CA PHE A 337 27.53 14.22 -43.82
CA SER A 338 24.71 16.50 -44.78
CA SER A 339 20.89 16.61 -44.86
CA GLN A 340 19.29 19.32 -47.10
CA ASP A 341 15.71 20.60 -47.94
CA GLU A 342 13.24 20.12 -50.86
CA LYS A 343 15.88 19.65 -53.62
CA GLY A 344 18.22 21.73 -51.62
CA VAL A 345 21.55 23.40 -52.06
CA THR A 346 21.55 25.25 -48.83
CA GLN A 347 22.20 22.54 -46.16
CA ASN A 348 19.98 24.09 -43.43
CA GLY A 349 19.00 20.78 -41.70
CA ARG A 350 20.87 20.27 -38.38
CA LEU A 351 22.69 17.03 -37.62
CA ILE A 352 22.47 15.70 -34.07
CA THR A 353 25.70 13.61 -34.42
CA ALA A 354 27.72 16.37 -36.10
CA ASN A 355 30.95 14.68 -35.31
CA PRO A 356 30.74 11.00 -36.31
CA ILE A 357 33.89 8.76 -36.22
CA VAL A 358 34.78 6.15 -38.94
CA THR A 359 35.16 2.81 -37.23
CA ASP A 360 36.26 -0.42 -38.86
CA LYS A 361 34.95 -1.70 -42.22
CA GLU A 362 32.80 -4.33 -40.48
CA LYS A 363 31.52 -2.08 -37.72
CA PRO A 364 28.47 0.01 -38.81
CA VAL A 365 28.55 3.85 -38.19
CA ASN A 366 25.08 5.52 -37.99
CA ILE A 367 24.19 9.03 -37.89
CA GLU A 368 21.01 10.87 -36.69
CA ALA A 369 19.98 14.05 -38.15
CA GLU A 370 16.81 16.27 -37.77
CA PRO A 371 15.81 16.87 -41.49
CA PRO A 372 12.52 18.66 -42.22
CA PHE A 373 9.39 16.58 -43.05
CA GLY A 374 8.96 16.60 -46.85
CA GLU A 375 11.75 16.04 -49.29
CA SER A 376 15.03 15.31 -47.57
CA TYR A 377 18.13 15.21 -49.69
CA ILE A 378 21.19 13.41 -48.25
CA VAL A 379 24.65 14.18 -49.75
CA VAL A 380 28.15 13.01 -48.49
CA GLY A 381 31.16 14.56 -50.16
CA ALA A 382 30.88 17.60 -52.39
CA GLY A 383 34.45 17.61 -53.95
CA GLU A 384 34.12 14.38 -55.62
CA LYS A 385 30.35 14.72 -54.88
CA ALA A 386 30.45 10.86 -54.08
CA LEU A 387 27.20 9.24 -53.04
CA LYS A 388 24.05 11.36 -52.70
CA LEU A 389 20.50 10.06 -52.03
CA SER A 390 17.25 11.69 -52.96
CA TRP A 391 14.28 10.65 -50.80
CA PHE A 392 10.82 12.09 -50.94
CA LYS A 393 10.45 11.36 -47.20
CA LYS A 394 7.16 11.11 -45.45
CA MET B 1 -44.67 45.35 35.79
CA ARG B 2 -41.23 43.67 35.51
CA CYS B 3 -41.55 43.69 31.65
CA VAL B 4 -41.19 47.57 31.30
CA GLY B 5 -38.07 49.58 30.49
CA ILE B 6 -37.80 47.79 27.08
CA GLY B 7 -41.06 49.37 25.76
CA ASN B 8 -43.11 47.99 22.74
CA ARG B 9 -44.47 44.95 24.78
CA ASP B 10 -47.67 42.93 24.32
CA PHE B 11 -50.62 42.89 26.61
CA VAL B 12 -52.73 39.69 26.31
CA GLU B 13 -56.02 38.54 27.71
CA GLY B 14 -55.78 34.79 27.43
CA LEU B 15 -56.72 31.84 29.68
CA SER B 16 -58.01 30.31 26.46
CA GLY B 17 -59.47 26.80 26.66
CA ALA B 18 -59.55 27.46 30.38
CA THR B 19 -56.02 25.97 30.81
CA TRP B 20 -53.21 27.32 28.77
CA VAL B 21 -52.02 30.17 26.51
CA ASP B 22 -49.58 30.52 23.54
CA VAL B 23 -47.66 33.80 24.26
CA VAL B 24 -44.64 34.99 22.23
CA LEU B 25 -41.31 36.56 23.02
CA GLU B 26 -39.60 38.62 20.24
CA HIS B 27 -36.70 39.60 22.49
CA GLY B 28 -37.63 43.30 22.10
CA SER B 29 -40.91 42.60 23.93
CA CYS B 30 -42.02 40.77 27.06
CA VAL B 31 -45.50 39.73 27.86
CA THR B 32 -47.82 40.75 30.61
CA THR B 33 -50.64 38.19 30.68
CA MET B 34 -53.76 36.84 32.29
CA ALA B 35 -57.56 36.93 31.28
CA LYS B 36 -59.82 37.42 34.30
CA ASP B 37 -58.76 37.96 37.86
CA LYS B 38 -55.74 36.31 39.45
CA PRO B 39 -52.22 37.72 40.47
CA THR B 40 -51.15 38.22 36.80
CA LEU B 41 -47.83 37.28 35.39
CA ASP B 42 -44.72 38.90 33.87
CA ILE B 43 -43.09 36.38 31.44
CA GLU B 44 -39.53 36.83 30.08
CA LEU B 45 -36.81 34.79 28.33
CA LEU B 46 -33.04 35.12 29.32
CA LYS B 47 -30.52 32.79 27.90
CA THR B 48 -30.83 29.67 25.68
CA GLU B 49 -27.96 27.58 26.74
CA VAL B 50 -26.65 25.13 24.12
CA THR B 51 -25.22 22.44 26.28
CA ASN B 52 -23.45 19.06 25.22
CA PRO B 53 -22.11 20.79 22.10
CA ALA B 54 -21.60 19.13 18.88
CA VAL B 55 -18.61 20.64 17.21
CA LEU B 56 -17.99 20.14 13.48
CA ARG B 57 -15.16 20.83 11.12
CA LYS B 58 -14.07 24.01 12.85
CA LEU B 59 -12.17 26.96 11.28
CA CYS B 60 -8.82 28.54 11.89
CA ILE B 61 -8.08 32.35 11.74
CA GLU B 62 -4.45 32.78 12.69
CA ALA B 63 -2.61 30.69 10.21
CA LYS B 64 1.18 30.80 10.41
CA ILE B 65 3.94 29.56 8.10
CA SER B 66 7.32 27.85 8.82
CA ASN B 67 10.49 26.32 7.20
CA THR B 68 9.42 27.74 3.64
CA THR B 69 11.28 25.51 1.14
CA THR B 70 11.54 25.33 -2.65
CA ASP B 71 12.89 22.92 -5.38
CA SER B 72 12.50 23.03 -9.11
CA ARG B 73 12.86 20.82 -12.23
CA CYS B 74 13.64 22.06 -15.85
CA PRO B 75 11.09 21.22 -18.63
CA THR B 76 10.70 17.57 -19.54
CA GLN B 77 12.55 16.15 -16.65
CA GLY B 78 9.54 15.42 -14.50
CA GLU B 79 7.82 17.86 -12.05
CA ALA B 80 9.29 19.36 -8.88
CA THR B 81 8.69 17.44 -5.76
CA LEU B 82 10.30 17.58 -2.24
CA VAL B 83 10.51 15.38 1.01
CA GLU B 84 8.01 17.65 2.81
CA GLU B 85 5.06 16.42 0.64
CA GLN B 86 4.81 13.33 2.79
CA ASP B 87 3.27 15.40 5.65
CA THR B 88 -0.39 16.22 5.45
CA ASN B 89 -0.05 19.38 7.56
CA PHE B 90 1.86 21.77 5.28
CA VAL B 91 0.80 24.13 2.52
CA CYS B 92 2.42 22.91 -0.66
CA ARG B 93 1.86 24.63 -4.01
CA ARG B 94 3.12 23.59 -7.49
CA THR B 95 4.03 26.53 -9.62
CA PHE B 96 6.00 27.67 -12.78
CA VAL B 97 9.21 29.65 -13.14
CA ASP B 98 11.18 31.04 -16.18
CA ARG B 99 14.31 29.31 -17.19
CA GLY B 100 17.49 29.76 -19.35
CA TRP B 101 21.22 28.97 -19.26
CA GLY B 102 21.12 30.08 -15.66
CA ASN B 103 18.92 27.14 -14.40
CA GLY B 104 21.28 24.36 -15.78
CA CYS B 105 19.32 23.66 -18.93
CA GLY B 106 19.76 23.97 -22.74
CA LEU B 107 16.02 23.60 -23.77
CA PHE B 108 15.00 26.75 -21.85
CA GLY B 109 11.28 27.50 -21.82
CA LYS B 110 9.52 27.84 -18.43
CA GLY B 111 9.86 24.83 -16.06
CA SER B 112 8.32 23.76 -12.77
CA LEU B 113 8.86 24.67 -9.15
CA ILE B 114 7.27 23.44 -6.06
CA THR B 115 7.16 25.00 -2.49
CA CYS B 116 6.69 23.28 0.81
CA ALA B 117 6.09 25.41 3.84
CA LYS B 118 4.97 23.80 7.23
CA PHE B 119 1.68 25.07 8.57
CA LYS B 120 0.89 25.78 12.18
CA CYS B 121 -1.92 27.76 13.63
CA VAL B 122 -3.47 29.34 16.71
CA THR B 123 -7.08 30.17 17.48
CA LYS B 124 -10.05 28.29 16.10
CA LEU B 125 -13.51 29.85 15.54
CA GLU B 126 -15.19 26.48 16.42
CA GLY B 127 -18.41 25.80 14.48
CA LYS B 128 -20.95 24.30 16.77
CA ILE B 129 -24.44 23.02 15.84
CA VAL B 130 -27.37 24.04 17.96
CA GLN B 131 -29.32 20.61 18.12
CA TYR B 132 -32.88 19.75 19.13
CA GLU B 133 -32.19 17.40 22.04
CA ASN B 134 -29.73 19.50 24.03
CA LEU B 135 -30.92 23.10 23.97
CA LYS B 136 -32.06 23.81 27.55
CA TYR B 137 -33.81 27.24 27.77
CA SER B 138 -33.85 29.41 30.94
CA VAL B 139 -37.06 31.34 31.62
CA ILE B 140 -37.77 33.95 34.24
CA VAL B 141 -41.28 34.51 35.52
CA THR B 142 -42.33 37.35 38.01
CA VAL B 143 -45.71 38.17 39.63
CA HIS B 144 -47.40 41.63 39.35
CA THR B 145 -47.28 42.05 43.21
CA GLY B 146 -44.07 44.20 43.54
CA ASP B 147 -42.83 42.12 46.46
CA GLN B 148 -39.26 42.39 47.75
CA HIS B 149 -38.04 41.41 44.36
CA GLN B 150 -39.24 44.88 43.28
CA VAL B 151 -38.14 46.18 39.87
CA GLY B 152 -34.89 45.18 37.95
CA ASN B 153 -33.36 43.40 40.95
CA GLU B 154 -32.57 39.83 39.93
CA THR B 155 -30.37 38.85 42.81
CA THR B 156 -30.83 35.04 43.60
CA GLU B 157 -34.28 33.45 43.12
CA HIS B 158 -37.07 36.01 42.60
CA GLY B 159 -40.32 34.73 41.15
CA THR B 160 -38.14 31.59 40.28
CA ILE B 161 -35.81 31.06 37.29
CA ALA B 162 -36.14 27.65 35.82
CA THR B 163 -34.88 25.59 32.94
CA ILE B 164 -36.94 23.93 30.30
CA THR B 165 -35.33 20.90 28.70
CA PRO B 166 -36.20 19.14 25.35
CA GLN B 167 -36.77 15.73 27.05
CA ALA B 168 -39.33 16.91 29.63
CA PRO B 169 -40.36 20.43 28.35
CA THR B 170 -43.42 20.44 30.75
CA SER B 171 -41.73 22.07 33.69
CA GLU B 172 -44.01 21.95 36.77
CA ILE B 173 -42.42 24.85 38.64
CA GLN B 174 -43.15 24.84 42.41
CA LEU B 175 -44.28 28.31 43.65
CA THR B 176 -45.02 28.84 47.38
CA ASP B 177 -48.42 30.28 48.30
CA TYR B 178 -49.61 30.11 44.71
CA GLY B 179 -49.38 26.48 43.66
CA ALA B 180 -47.19 25.28 40.77
CA LEU B 181 -47.13 27.16 37.54
CA THR B 182 -46.41 24.90 34.65
CA LEU B 183 -44.62 26.12 31.55
CA ASP B 184 -44.12 24.46 28.17
CA CYS B 185 -41.17 25.38 25.74
CA SER B 186 -40.31 22.61 23.17
CA PRO B 187 -36.78 24.02 22.07
CA ARG B 188 -36.86 23.09 18.37
CA THR B 189 -38.20 26.35 16.83
CA GLY B 190 -36.72 29.86 17.42
CA LEU B 191 -35.05 30.97 14.08
CA ASP B 192 -35.28 27.20 13.35
CA PHE B 193 -32.32 25.17 14.67
CA ASN B 194 -30.02 22.68 12.79
CA GLU B 195 -30.03 25.34 10.07
CA MET B 196 -27.96 27.81 12.12
CA VAL B 197 -24.28 27.49 12.89
CA LEU B 198 -23.00 28.95 16.21
CA LEU B 199 -19.67 30.61 15.74
CA THR B 200 -17.33 32.42 18.21
CA MET B 201 -15.25 35.34 16.79
CA GLU B 202 -12.75 35.73 19.62
CA LYS B 203 -14.58 38.23 22.09
CA LYS B 204 -17.82 38.55 20.01
CA SER B 205 -20.06 35.77 18.66
CA TRP B 206 -22.77 35.47 16.00
CA LEU B 207 -25.33 32.79 14.77
CA VAL B 208 -24.48 32.35 11.08
CA HIS B 209 -26.49 30.25 8.69
CA LYS B 210 -24.85 27.11 7.14
CA GLN B 211 -25.19 28.70 3.72
CA TRP B 212 -22.79 31.66 4.70
CA PHE B 213 -20.56 29.32 6.79
CA LEU B 214 -19.35 27.27 3.86
CA ASP B 215 -17.76 30.15 1.87
CA LEU B 216 -15.38 31.30 4.52
CA PRO B 217 -11.78 30.89 3.30
CA LEU B 218 -10.16 29.70 6.50
CA PRO B 219 -8.67 26.16 6.91
CA TRP B 220 -11.16 23.48 7.84
CA THR B 221 -9.99 20.72 10.14
CA SER B 222 -11.45 17.16 9.90
CA GLY B 223 -12.38 17.55 13.56
CA ALA B 224 -8.71 17.21 14.45
CA SER B 225 -7.68 19.16 17.61
CA THR B 226 -5.32 16.45 19.14
CA SER B 227 -1.54 16.30 18.73
CA GLN B 228 -1.43 19.16 16.06
CA GLU B 229 0.12 19.08 12.69
CA THR B 230 -2.88 17.14 11.57
CA TRP B 231 -4.16 20.14 9.58
CA ASN B 232 -6.43 19.90 6.56
CA ARG B 233 -7.47 22.31 3.70
CA GLN B 234 -4.63 24.56 4.59
CA ASP B 235 -4.55 26.43 1.15
CA LEU B 236 -7.25 28.81 2.39
CA LEU B 237 -4.98 31.01 4.42
CA VAL B 238 -1.49 32.08 3.33
CA THR B 239 -1.71 33.92 0.02
CA PHE B 240 0.67 34.11 -2.98
CA LYS B 241 2.09 37.39 -4.36
CA THR B 242 2.91 36.19 -7.76
CA ALA B 243 3.94 39.54 -9.55
CA HIS B 244 4.78 39.32 -13.30
CA ALA B 245 6.51 36.34 -14.99
CA LYS B 246 9.20 35.95 -12.21
CA LYS B 247 9.43 36.08 -8.44
CA GLN B 248 6.57 34.50 -6.39
CA GLU B 249 6.50 35.05 -2.68
CA VAL B 250 4.24 34.04 0.23
CA VAL B 251 2.04 36.17 2.58
CA VAL B 252 1.35 35.21 6.19
CA LEU B 253 -1.79 37.34 6.81
CA GLY B 254 -2.36 36.10 10.34
CA SER B 255 -4.98 38.28 12.02
CA GLN B 256 -8.27 38.94 10.27
CA GLU B 257 -10.27 40.94 12.75
CA GLY B 258 -12.23 43.00 10.04
CA ALA B 259 -12.54 40.51 7.07
CA MET B 260 -15.02 38.26 8.87
CA HIS B 261 -17.52 40.89 10.18
CA THR B 262 -18.08 43.32 7.26
CA ALA B 263 -18.72 40.63 4.65
CA LEU B 264 -21.96 39.36 6.24
CA THR B 265 -23.98 41.66 8.53
CA GLY B 266 -27.23 39.72 8.05
CA ALA B 267 -26.55 37.11 10.63
CA THR B 268 -28.37 37.16 14.00
CA GLU B 269 -26.54 38.22 17.09
CA ILE B 270 -25.63 36.67 20.26
CA GLN B 271 -25.01 38.73 23.41
CA THR B 272 -21.43 38.45 24.76
CA SER B 273 -22.66 37.01 28.10
CA GLY B 274 -23.78 33.53 26.84
CA THR B 275 -21.71 33.05 23.75
CA THR B 276 -24.34 30.49 22.42
CA THR B 277 -27.58 32.21 23.32
CA ILE B 278 -30.12 32.94 20.85
CA PHE B 279 -32.11 36.18 20.45
CA ALA B 280 -33.68 38.27 17.67
CA GLY B 281 -36.03 35.36 16.78
CA HIS B 282 -39.73 34.93 17.40
CA LEU B 283 -39.71 32.20 19.95
CA LYS B 284 -43.08 31.27 21.34
CA CYS B 285 -43.65 29.55 24.80
CA ARG B 286 -46.88 28.31 26.45
CA LEU B 287 -48.04 29.27 29.81
CA LYS B 288 -50.45 27.01 31.73
CA MET B 289 -52.58 29.21 33.88
CA ASP B 290 -54.47 28.47 36.97
CA LYS B 291 -52.74 27.04 40.10
CA LEU B 292 -52.87 30.60 41.62
CA THR B 293 -54.59 31.88 44.79
CA LEU B 294 -57.35 34.48 45.03
CA LYS B 295 -56.09 35.44 48.52
CA GLY B 296 -57.95 38.33 50.16
CA MET B 297 -61.46 37.07 50.98
CA SER B 298 -62.68 36.69 54.62
CA TYR B 299 -60.19 39.18 56.02
CA VAL B 300 -62.38 42.17 55.37
CA MET B 301 -60.98 44.29 52.43
CA CYS B 302 -58.45 46.96 53.42
CA THR B 303 -57.38 47.88 56.98
CA GLY B 304 -55.38 50.80 58.20
CA SER B 305 -54.47 53.49 55.64
CA PHE B 306 -52.73 53.61 52.26
CA LYS B 307 -50.51 56.63 51.14
CA LEU B 308 -49.91 56.58 47.33
CA GLU B 309 -46.49 57.31 45.98
CA LYS B 310 -45.55 58.53 42.54
CA GLU B 311 -47.79 59.94 39.79
CA VAL B 312 -48.95 58.24 36.54
CA ALA B 313 -46.96 59.13 33.43
CA GLU B 314 -47.66 58.84 29.71
CA THR B 315 -46.40 55.28 29.18
CA GLN B 316 -47.60 52.34 27.11
CA HIS B 317 -51.38 52.13 27.02
CA GLY B 318 -51.30 54.53 30.04
CA THR B 319 -50.01 52.04 32.63
CA VAL B 320 -50.11 53.22 36.30
CA LEU B 321 -46.89 53.94 38.31
CA VAL B 322 -48.63 54.40 41.70
CA GLN B 323 -46.80 52.49 44.43
CA VAL B 324 -48.86 51.73 47.41
CA LYS B 325 -47.16 52.38 50.98
CA TYR B 326 -49.69 50.78 53.41
CA GLU B 327 -49.56 52.01 57.11
CA GLY B 328 -50.96 49.93 60.02
CA THR B 329 -52.23 47.28 57.55
CA ASP B 330 -52.00 43.57 58.38
CA ALA B 331 -53.23 40.47 56.37
CA PRO B 332 -53.71 40.10 52.57
CA CYS B 333 -56.76 41.70 51.11
CA LYS B 334 -58.03 42.65 47.53
CA ILE B 335 -57.32 46.36 46.85
CA PRO B 336 -60.56 47.68 45.22
CA PHE B 337 -58.87 49.76 42.54
CA SER B 338 -60.40 51.64 39.67
CA SER B 339 -59.41 53.78 36.66
CA GLN B 340 -62.19 55.94 35.10
CA ASP B 341 -62.59 58.33 32.05
CA GLU B 342 -62.65 62.16 31.56
CA LYS B 343 -64.14 63.04 34.99
CA GLY B 344 -65.81 59.72 35.02
CA VAL B 345 -68.43 57.92 37.04
CA THR B 346 -68.68 54.94 34.83
CA GLN B 347 -65.45 52.95 35.49
CA ASN B 348 -65.01 51.65 31.90
CA GLY B 349 -61.16 51.43 31.94
CA ARG B 350 -59.91 47.81 32.25
CA LEU B 351 -57.33 46.83 34.86
CA ILE B 352 -54.67 44.33 33.83
CA THR B 353 -53.95 43.25 37.46
CA ALA B 354 -57.62 42.96 38.47
CA ASN B 355 -56.79 40.88 41.45
CA PRO B 356 -53.96 42.53 43.39
CA ILE B 357 -52.91 41.17 46.87
CA VAL B 358 -52.04 43.41 49.91
CA THR B 359 -48.56 42.46 51.05
CA ASP B 360 -46.75 43.83 54.08
CA LYS B 361 -46.65 47.53 55.05
CA GLU B 362 -43.02 47.82 53.86
CA LYS B 363 -43.46 45.85 50.67
CA PRO B 364 -44.82 47.98 47.77
CA VAL B 365 -47.91 46.68 45.80
CA ASN B 366 -48.26 48.10 42.22
CA ILE B 367 -50.97 47.80 39.85
CA GLU B 368 -51.14 48.21 36.01
CA ALA B 369 -54.18 49.34 34.34
CA GLU B 370 -55.00 50.34 30.67
CA PRO B 371 -56.76 53.80 31.17
CA PRO B 372 -57.64 55.84 28.06
CA PHE B 373 -55.26 58.65 26.94
CA GLY B 374 -56.71 61.96 28.18
CA GLU B 375 -58.04 62.53 31.63
CA SER B 376 -57.66 59.46 33.82
CA TYR B 377 -59.37 59.50 37.17
CA ILE B 378 -58.12 56.99 39.80
CA VAL B 379 -60.41 56.16 42.77
CA VAL B 380 -59.92 53.44 45.52
CA GLY B 381 -62.82 52.83 47.85
CA ALA B 382 -66.29 54.19 47.16
CA GLY B 383 -67.97 53.50 50.60
CA GLU B 384 -65.78 55.67 52.53
CA LYS B 385 -64.66 57.08 49.10
CA ALA B 386 -61.04 57.14 50.65
CA LEU B 387 -58.25 58.39 48.43
CA LYS B 388 -59.02 59.44 44.84
CA LEU B 389 -56.57 61.11 42.39
CA SER B 390 -57.42 63.33 39.48
CA TRP B 391 -54.76 63.41 36.75
CA PHE B 392 -55.03 65.15 33.42
CA LYS B 393 -52.76 62.46 31.92
CA LYS B 394 -50.86 62.89 28.74
CA MET C 1 -21.51 -30.94 11.37
CA ARG C 2 -18.24 -30.39 9.43
CA CYS C 3 -19.50 -30.06 5.73
CA VAL C 4 -22.35 -27.87 7.11
CA GLY C 5 -22.13 -24.14 6.49
CA ILE C 6 -19.56 -24.33 3.68
CA GLY C 7 -21.22 -23.88 0.30
CA ASN C 8 -19.19 -26.26 -1.87
CA ARG C 9 -20.44 -29.48 -0.32
CA ASP C 10 -23.85 -31.25 -0.42
CA PHE C 11 -25.83 -34.17 0.94
CA VAL C 12 -26.37 -37.42 -1.08
CA GLU C 13 -28.94 -39.54 0.67
CA GLY C 14 -28.65 -43.16 -0.17
CA LEU C 15 -28.12 -46.88 0.40
CA SER C 16 -28.21 -47.67 -3.26
CA GLY C 17 -27.17 -51.10 -4.30
CA ALA C 18 -27.52 -52.24 -0.66
CA THR C 19 -24.54 -50.28 0.87
CA TRP C 20 -22.28 -50.64 -2.21
CA VAL C 21 -22.71 -46.89 -2.60
CA ASP C 22 -20.85 -45.11 -5.39
CA VAL C 23 -19.58 -41.59 -4.88
CA VAL C 24 -17.40 -39.10 -6.60
CA LEU C 25 -15.52 -36.23 -4.86
CA GLU C 26 -14.15 -33.20 -6.93
CA HIS C 27 -11.28 -32.75 -4.51
CA GLY C 28 -12.35 -30.05 -2.12
CA SER C 29 -16.12 -31.04 -2.21
CA CYS C 30 -17.24 -33.38 0.45
CA VAL C 31 -20.14 -35.71 0.22
CA THR C 32 -22.25 -36.27 3.31
CA THR C 33 -24.55 -39.23 3.21
CA MET C 34 -27.66 -39.96 5.24
CA ALA C 35 -28.93 -43.38 5.94
CA LYS C 36 -31.87 -45.19 7.77
CA ASP C 37 -31.26 -48.05 10.19
CA LYS C 38 -27.59 -47.08 9.73
CA PRO C 39 -25.87 -43.89 10.94
CA THR C 40 -25.46 -40.69 8.94
CA LEU C 41 -21.81 -40.04 7.80
CA ASP C 42 -19.47 -37.24 6.82
CA ILE C 43 -17.00 -38.18 4.01
CA GLU C 44 -14.18 -35.75 3.36
CA LEU C 45 -11.63 -36.51 0.68
CA LEU C 46 -8.79 -34.12 1.38
CA LYS C 47 -5.04 -33.91 0.51
CA THR C 48 -3.99 -35.77 -2.60
CA GLU C 49 -0.41 -36.11 -1.45
CA VAL C 50 2.56 -36.90 -3.62
CA THR C 51 5.79 -37.93 -2.09
CA ASN C 52 8.76 -38.17 -4.39
CA PRO C 53 7.71 -36.74 -7.81
CA ALA C 54 10.55 -37.65 -10.26
CA VAL C 55 12.44 -34.73 -11.67
CA LEU C 56 13.08 -35.03 -15.45
CA ARG C 57 13.45 -32.78 -18.55
CA LYS C 58 14.26 -29.35 -17.10
CA LEU C 59 12.86 -26.25 -18.80
CA CYS C 60 14.53 -22.88 -18.31
CA ILE C 61 12.99 -19.45 -18.83
CA GLU C 62 15.92 -17.07 -18.67
CA ALA C 63 19.31 -16.94 -20.27
CA LYS C 64 22.24 -14.48 -20.34
CA ILE C 65 25.03 -13.91 -22.78
CA SER C 66 28.79 -13.60 -22.19
CA ASN C 67 32.05 -13.22 -24.11
CA THR C 68 30.40 -12.31 -27.47
CA THR C 69 32.33 -12.41 -30.78
CA THR C 70 31.94 -12.23 -34.54
CA ASP C 71 34.44 -12.66 -37.41
CA SER C 72 34.44 -12.61 -41.08
CA ARG C 73 36.11 -14.03 -44.27
CA CYS C 74 36.35 -12.75 -47.90
CA PRO C 75 33.51 -13.54 -50.41
CA THR C 76 32.58 -17.04 -51.37
CA GLN C 77 35.83 -18.64 -50.21
CA GLY C 78 34.30 -20.59 -47.24
CA GLU C 79 33.57 -19.41 -43.73
CA ALA C 80 36.18 -19.08 -41.04
CA THR C 81 34.35 -21.00 -38.28
CA LEU C 82 34.93 -20.10 -34.69
CA VAL C 83 36.90 -22.65 -32.43
CA GLU C 84 34.42 -22.80 -29.50
CA GLU C 85 31.76 -24.51 -31.60
CA GLN C 86 33.34 -27.95 -30.79
CA ASP C 87 31.60 -28.17 -27.44
CA THR C 88 28.52 -26.24 -28.78
CA ASN C 89 27.00 -24.59 -25.72
CA PHE C 90 27.11 -21.53 -27.92
CA VAL C 91 24.46 -19.86 -29.87
CA CYS C 92 25.86 -18.73 -33.16
CA ARG C 93 24.80 -17.94 -36.72
CA ARG C 94 26.38 -17.81 -40.17
CA THR C 95 24.99 -15.08 -42.50
CA PHE C 96 25.76 -13.36 -45.82
CA VAL C 97 26.62 -9.63 -45.76
CA ASP C 98 28.11 -7.54 -48.74
CA ARG C 99 31.59 -6.81 -47.59
CA GLY C 100 34.48 -5.55 -49.64
CA TRP C 101 37.80 -3.74 -49.49
CA GLY C 102 38.39 -1.89 -46.10
CA ASN C 103 36.22 -4.50 -44.25
CA GLY C 104 39.09 -7.04 -44.49
CA CYS C 105 37.66 -8.58 -47.71
CA GLY C 106 39.58 -8.83 -50.95
CA LEU C 107 36.60 -8.14 -53.23
CA PHE C 108 33.14 -6.56 -52.84
CA GLY C 109 30.25 -8.89 -53.09
CA LYS C 110 28.32 -10.99 -50.68
CA GLY C 111 30.79 -12.59 -48.25
CA SER C 112 30.57 -14.11 -44.88
CA LEU C 113 30.30 -13.12 -41.25
CA ILE C 114 29.72 -15.46 -38.34
CA THR C 115 28.23 -14.47 -35.03
CA CYS C 116 28.93 -16.29 -31.77
CA ALA C 117 27.54 -15.92 -28.14
CA LYS C 118 28.24 -17.99 -24.99
CA PHE C 119 25.01 -19.34 -23.46
CA LYS C 120 24.28 -19.85 -19.63
CA CYS C 121 20.83 -20.84 -18.28
CA VAL C 122 19.30 -18.71 -15.51
CA THR C 123 16.28 -19.72 -13.34
CA LYS C 124 15.25 -23.16 -14.52
CA LEU C 125 11.92 -24.77 -13.47
CA GLU C 126 12.95 -28.47 -13.60
CA GLY C 127 10.20 -30.77 -14.67
CA LYS C 128 8.56 -33.44 -12.43
CA ILE C 129 6.60 -36.48 -13.56
CA VAL C 130 4.71 -38.92 -11.24
CA GLN C 131 4.06 -42.62 -10.80
CA TYR C 132 1.04 -44.30 -9.19
CA GLU C 133 3.15 -45.72 -6.34
CA ASN C 134 4.06 -42.15 -5.26
CA LEU C 135 0.36 -41.20 -4.65
CA LYS C 136 -0.93 -41.27 -1.05
CA TYR C 137 -4.57 -40.05 -0.59
CA SER C 138 -6.38 -39.10 2.57
CA VAL C 139 -9.98 -39.95 3.33
CA ILE C 140 -11.33 -38.80 6.65
CA VAL C 141 -14.86 -40.10 7.46
CA THR C 142 -16.62 -39.56 10.77
CA VAL C 143 -20.05 -40.49 12.17
CA HIS C 144 -22.57 -37.96 13.49
CA THR C 145 -24.71 -39.67 16.19
CA GLY C 146 -24.86 -36.72 18.60
CA ASP C 147 -21.62 -34.76 18.97
CA GLN C 148 -20.51 -31.40 17.91
CA HIS C 149 -18.77 -30.60 14.65
CA GLN C 150 -20.57 -27.38 13.74
CA VAL C 151 -19.03 -25.01 11.16
CA GLY C 152 -15.22 -24.74 11.17
CA ASN C 153 -14.12 -28.03 12.88
CA GLU C 154 -12.59 -30.62 10.67
CA THR C 155 -9.75 -31.42 13.20
CA THR C 156 -11.71 -33.61 15.64
CA GLU C 157 -11.93 -37.32 16.26
CA HIS C 158 -12.85 -39.17 13.21
CA GLY C 159 -11.88 -42.75 13.77
CA THR C 160 -8.70 -43.18 11.76
CA ILE C 161 -7.17 -40.98 9.05
CA ALA C 162 -7.31 -43.58 6.24
CA THR C 163 -4.32 -43.21 3.85
CA ILE C 164 -5.00 -44.94 0.57
CA THR C 165 -2.51 -45.77 -2.20
CA PRO C 166 -3.38 -47.24 -5.63
CA GLN C 167 -0.97 -50.11 -4.75
CA ALA C 168 -3.49 -51.17 -2.08
CA PRO C 169 -6.55 -49.27 -3.09
CA THR C 170 -8.76 -50.85 -0.50
CA SER C 171 -8.41 -49.55 3.02
CA GLU C 172 -10.70 -50.10 6.07
CA ILE C 173 -11.65 -46.92 7.96
CA GLN C 174 -11.99 -48.22 11.50
CA LEU C 175 -14.74 -46.37 13.40
CA THR C 176 -15.13 -46.96 17.13
CA ASP C 177 -18.17 -49.02 17.77
CA TYR C 178 -19.65 -48.25 14.43
CA GLY C 179 -17.68 -50.82 12.50
CA ALA C 180 -15.17 -50.25 9.71
CA LEU C 181 -16.13 -48.91 6.31
CA THR C 182 -14.42 -50.22 3.21
CA LEU C 183 -13.30 -47.74 0.72
CA ASP C 184 -12.48 -48.99 -2.72
CA CYS C 185 -10.72 -46.12 -4.74
CA SER C 186 -9.81 -45.59 -8.51
CA PRO C 187 -5.25 -42.54 -10.48
CA ARG C 188 -5.68 -43.43 -14.18
CA THR C 189 -8.92 -41.34 -14.60
CA GLY C 190 -9.54 -37.88 -13.03
CA LEU C 191 -5.84 -37.19 -12.55
CA ASP C 192 -4.60 -39.05 -15.77
CA PHE C 193 -1.17 -39.59 -14.22
CA ASN C 194 2.01 -40.63 -15.94
CA GLU C 195 0.78 -37.93 -18.38
CA MET C 196 0.87 -34.85 -16.29
CA VAL C 197 3.97 -32.69 -15.98
CA LEU C 198 4.14 -30.97 -12.65
CA LEU C 199 5.74 -27.59 -13.55
CA THR C 200 6.17 -24.54 -11.45
CA MET C 201 6.35 -20.70 -11.67
CA GLU C 202 7.30 -17.89 -9.21
CA LYS C 203 5.34 -19.11 -6.15
CA LYS C 204 2.63 -20.86 -8.11
CA SER C 205 2.40 -24.13 -9.95
CA TRP C 206 0.79 -25.82 -12.94
CA LEU C 207 -0.40 -29.15 -14.09
CA VAL C 208 -0.01 -29.56 -17.82
CA HIS C 209 -0.71 -32.29 -20.37
CA LYS C 210 2.62 -33.94 -21.37
CA GLN C 211 1.77 -34.61 -24.92
CA TRP C 212 1.42 -30.84 -25.56
CA PHE C 213 4.74 -29.85 -23.82
CA LEU C 214 7.12 -31.87 -25.87
CA ASP C 215 7.96 -29.10 -28.25
CA LEU C 216 6.92 -25.74 -27.01
CA PRO C 217 9.06 -22.89 -25.82
CA LEU C 218 11.93 -23.16 -23.18
CA PRO C 219 14.93 -25.42 -24.05
CA TRP C 220 15.07 -29.20 -23.07
CA THR C 221 17.55 -31.34 -20.92
CA SER C 222 18.12 -35.11 -19.98
CA GLY C 223 17.11 -34.36 -16.25
CA ALA C 224 20.68 -33.49 -15.55
CA SER C 225 22.63 -30.48 -16.71
CA THR C 226 25.08 -29.43 -14.05
CA SER C 227 28.47 -28.93 -15.87
CA GLN C 228 27.21 -31.04 -18.88
CA GLU C 229 25.05 -28.34 -20.47
CA THR C 230 22.60 -30.88 -21.93
CA TRP C 231 20.55 -28.10 -23.32
CA ASN C 232 18.98 -28.86 -26.88
CA ARG C 233 19.20 -26.03 -29.44
CA GLN C 234 19.75 -22.99 -27.24
CA ASP C 235 18.04 -20.84 -29.92
CA LEU C 236 14.71 -20.56 -28.22
CA LEU C 237 16.31 -18.07 -25.90
CA VAL C 238 19.02 -15.60 -27.15
CA THR C 239 18.31 -14.25 -30.69
CA PHE C 240 20.57 -12.14 -32.86
CA LYS C 241 20.19 -8.52 -33.79
CA THR C 242 21.61 -7.23 -37.01
CA ALA C 243 23.03 -3.99 -35.68
CA HIS C 244 22.13 -2.32 -39.05
CA ALA C 245 23.73 -5.28 -40.98
CA LYS C 246 27.35 -5.43 -39.74
CA LYS C 247 28.95 -6.43 -36.44
CA GLN C 248 25.71 -8.05 -35.42
CA GLU C 249 25.09 -8.10 -31.65
CA VAL C 250 23.21 -10.38 -29.26
CA VAL C 251 20.02 -9.93 -27.24
CA VAL C 252 18.47 -12.43 -24.59
CA LEU C 253 14.94 -11.34 -24.96
CA GLY C 254 12.53 -10.44 -22.26
CA SER C 255 11.36 -12.79 -19.60
CA GLN C 256 8.37 -14.91 -20.48
CA GLU C 257 7.08 -15.65 -16.90
CA GLY C 258 3.95 -13.43 -17.28
CA ALA C 259 3.29 -15.31 -20.59
CA MET C 260 3.71 -18.82 -19.16
CA HIS C 261 0.61 -18.63 -16.99
CA THR C 262 -1.61 -18.03 -19.91
CA ALA C 263 -0.19 -20.97 -21.97
CA LEU C 264 -0.44 -23.46 -19.06
CA THR C 265 -4.19 -22.72 -18.75
CA GLY C 266 -5.01 -26.13 -20.45
CA ALA C 267 -4.92 -27.56 -16.95
CA THR C 268 -5.40 -26.23 -13.51
CA GLU C 269 -3.09 -24.67 -10.98
CA ILE C 270 -1.72 -27.11 -8.40
CA GLN C 271 0.48 -26.93 -5.23
CA THR C 272 3.94 -28.36 -4.99
CA SER C 273 4.90 -27.08 -1.52
CA GLY C 274 1.57 -27.97 0.12
CA THR C 275 2.97 -31.52 -0.30
CA THR C 276 1.71 -31.58 -3.93
CA THR C 277 -2.04 -31.24 -3.60
CA ILE C 278 -3.69 -31.50 -7.09
CA PHE C 279 -6.86 -29.40 -7.54
CA ALA C 280 -9.57 -30.51 -10.01
CA GLY C 281 -9.11 -34.22 -9.26
CA HIS C 282 -12.42 -35.88 -10.15
CA LEU C 283 -11.70 -38.93 -7.81
CA LYS C 284 -14.18 -41.71 -7.36
CA CYS C 285 -14.61 -44.72 -5.16
CA ARG C 286 -17.17 -47.00 -3.47
CA LEU C 287 -17.91 -46.59 0.26
CA LYS C 288 -18.92 -50.14 0.99
CA MET C 289 -21.16 -49.95 4.07
CA ASP C 290 -20.61 -53.62 5.02
CA LYS C 291 -20.09 -52.61 8.52
CA LEU C 292 -22.43 -50.01 10.02
CA THR C 293 -24.42 -50.52 13.28
CA LEU C 294 -26.46 -48.13 15.31
CA LYS C 295 -26.43 -46.67 18.62
CA GLY C 296 -29.94 -45.31 17.85
CA MET C 297 -32.29 -48.21 18.59
CA SER C 298 -34.49 -49.76 21.17
CA TYR C 299 -35.41 -46.46 22.82
CA VAL C 300 -38.42 -44.92 24.69
CA MET C 301 -38.53 -41.09 25.00
CA CYS C 302 -37.02 -39.26 27.97
CA THR C 303 -39.35 -36.46 28.97
CA GLY C 304 -37.93 -33.40 30.39
CA SER C 305 -37.91 -29.63 30.12
CA PHE C 306 -36.42 -27.95 27.04
CA LYS C 307 -34.72 -24.71 25.90
CA LEU C 308 -32.70 -23.51 22.91
CA GLU C 309 -29.10 -22.86 22.05
CA LYS C 310 -28.73 -21.94 18.35
CA GLU C 311 -31.32 -20.50 15.79
CA VAL C 312 -31.40 -21.24 12.03
CA ALA C 313 -28.51 -20.33 9.84
CA GLU C 314 -28.30 -21.44 6.18
CA THR C 315 -25.85 -21.30 3.13
CA GLN C 316 -27.64 -23.82 0.88
CA HIS C 317 -31.00 -24.34 2.70
CA GLY C 318 -30.20 -27.94 2.91
CA THR C 319 -27.82 -26.75 5.56
CA VAL C 320 -29.71 -26.46 8.81
CA LEU C 321 -27.94 -25.55 12.01
CA VAL C 322 -29.78 -26.00 15.18
CA GLN C 323 -28.67 -26.72 18.77
CA VAL C 324 -30.97 -27.27 21.62
CA LYS C 325 -30.66 -27.62 25.35
CA TYR C 326 -32.16 -30.08 27.88
CA GLU C 327 -32.27 -30.73 31.54
CA GLY C 328 -33.92 -33.18 33.90
CA THR C 329 -33.16 -36.08 31.44
CA ASP C 330 -30.19 -38.28 31.50
CA ALA C 331 -28.56 -41.27 29.75
CA PRO C 332 -28.71 -42.17 25.99
CA CYS C 333 -32.38 -42.40 24.92
CA LYS C 334 -34.24 -40.98 21.94
CA ILE C 335 -34.74 -37.47 23.41
CA PRO C 336 -38.32 -36.78 22.20
CA PHE C 337 -38.42 -34.62 19.07
CA SER C 338 -40.09 -35.04 15.82
CA SER C 339 -40.08 -33.03 12.51
CA GLN C 340 -43.74 -32.87 11.76
CA ASP C 341 -45.68 -30.74 9.36
CA GLU C 342 -48.85 -28.98 10.62
CA LYS C 343 -48.69 -30.95 13.94
CA GLY C 344 -48.56 -34.51 12.57
CA VAL C 345 -47.37 -37.55 14.55
CA THR C 346 -44.16 -39.28 13.19
CA GLN C 347 -41.38 -37.68 11.35
CA ASN C 348 -41.70 -36.44 7.80
CA GLY C 349 -38.05 -35.33 7.63
CA ARG C 350 -34.59 -36.80 8.20
CA LEU C 351 -32.10 -36.19 10.92
CA ILE C 352 -28.64 -35.12 9.79
CA THR C 353 -27.41 -35.88 13.43
CA ALA C 354 -29.40 -39.13 13.77
CA ASN C 355 -30.79 -40.23 17.15
CA PRO C 356 -30.01 -37.17 19.33
CA ILE C 357 -28.20 -39.35 21.97
CA VAL C 358 -27.01 -38.00 25.25
CA THR C 359 -23.18 -37.63 24.89
CA ASP C 360 -21.95 -36.53 28.32
CA LYS C 361 -23.91 -33.22 28.55
CA GLU C 362 -20.66 -31.35 28.38
CA LYS C 363 -21.71 -30.30 24.84
CA PRO C 364 -25.16 -28.96 23.76
CA VAL C 365 -25.47 -31.65 21.15
CA ASN C 366 -26.43 -30.49 17.67
CA ILE C 367 -29.87 -31.61 16.48
CA GLU C 368 -29.62 -30.76 12.79
CA ALA C 369 -32.35 -32.06 10.55
CA GLU C 370 -33.50 -31.98 6.93
CA PRO C 371 -37.23 -31.37 7.08
CA PRO C 372 -39.44 -30.64 4.14
CA PHE C 373 -38.86 -26.94 3.98
CA GLY C 374 -42.14 -25.13 4.67
CA GLU C 375 -44.18 -24.48 7.66
CA SER C 376 -42.46 -27.37 9.42
CA TYR C 377 -42.74 -27.67 13.25
CA ILE C 378 -40.33 -29.49 15.52
CA VAL C 379 -42.59 -30.95 18.24
CA VAL C 380 -41.31 -32.46 21.55
CA GLY C 381 -44.71 -34.10 22.35
CA ALA C 382 -43.52 -34.62 25.92
CA GLY C 383 -45.64 -36.04 28.70
CA GLU C 384 -45.27 -32.80 30.51
CA LYS C 385 -46.39 -31.06 27.31
CA ALA C 386 -43.33 -28.67 27.10
CA LEU C 387 -42.64 -26.16 24.35
CA LYS C 388 -43.62 -26.46 20.80
CA LEU C 389 -40.92 -24.85 18.45
CA SER C 390 -41.17 -22.54 15.44
CA TRP C 391 -38.00 -21.78 13.55
CA PHE C 392 -38.59 -21.50 9.77
CA LYS C 393 -37.26 -22.63 7.04
CA LYS C 394 -39.41 -20.49 4.57
CA GLN D 1 46.70 -19.28 7.15
CA VAL D 2 47.14 -21.35 3.93
CA GLN D 3 49.92 -20.78 1.39
CA LEU D 4 50.48 -20.87 -2.36
CA VAL D 5 54.05 -21.05 -3.67
CA GLU D 6 54.78 -20.84 -7.40
CA SER D 7 57.82 -21.90 -9.48
CA GLY D 8 58.70 -22.72 -13.10
CA GLY D 9 58.76 -19.11 -14.41
CA GLY D 10 61.72 -18.13 -16.58
CA VAL D 11 62.94 -16.69 -19.88
CA VAL D 12 62.16 -18.61 -23.09
CA GLN D 13 62.18 -18.02 -26.84
CA PRO D 14 58.90 -17.69 -28.84
CA GLY D 15 57.33 -21.02 -29.84
CA ARG D 16 58.85 -22.90 -26.85
CA SER D 17 57.31 -24.26 -23.63
CA LEU D 18 57.26 -23.70 -19.86
CA ARG D 19 55.58 -25.55 -16.99
CA LEU D 20 54.39 -23.55 -13.98
CA SER D 21 53.73 -25.03 -10.54
CA CYS D 22 51.73 -23.79 -7.54
CA ALA D 23 52.13 -25.89 -4.37
CA ALA D 24 49.30 -25.44 -1.86
CA SER D 25 49.26 -26.07 1.90
CA GLY D 26 47.20 -25.31 5.02
CA PHE D 27 43.83 -26.31 3.44
CA ILE D 28 42.07 -29.25 1.75
CA PHE D 29 43.35 -28.50 -1.78
CA SER D 30 41.03 -31.07 -3.42
CA ASN D 31 37.90 -29.12 -2.33
CA TYR D 32 38.75 -25.83 -4.06
CA GLY D 33 38.68 -24.65 -7.67
CA MET D 34 42.09 -23.25 -8.67
CA HIS D 35 42.87 -20.46 -11.14
CA TRP D 36 45.76 -18.84 -12.98
CA VAL D 37 45.74 -15.04 -13.34
CA ARG D 38 48.45 -13.00 -15.08
CA GLN D 39 49.65 -9.40 -15.03
CA ALA D 40 51.62 -8.11 -18.00
CA PRO D 41 54.30 -5.40 -17.28
CA GLY D 42 52.42 -2.19 -16.27
CA LYS D 43 48.99 -3.81 -16.89
CA GLY D 44 46.07 -4.87 -14.67
CA LEU D 45 45.06 -8.37 -13.56
CA GLU D 46 43.90 -10.75 -16.31
CA TRP D 47 42.20 -14.12 -15.74
CA VAL D 48 43.85 -17.04 -17.60
CA ALA D 49 42.25 -20.40 -16.64
CA VAL D 50 40.49 -22.53 -14.01
CA ILE D 51 40.33 -26.18 -13.01
CA SER D 52 37.50 -27.62 -10.95
CA TYR D 53 38.33 -29.10 -7.52
CA ASP D 54 37.99 -32.65 -8.91
CA GLY D 55 40.05 -31.51 -11.97
CA SER D 56 37.35 -32.85 -14.36
CA ASP D 57 36.39 -29.35 -15.62
CA LYS D 58 38.74 -26.77 -17.15
CA ARG D 59 38.18 -23.41 -18.88
CA TYR D 60 40.58 -20.98 -20.57
CA ALA D 61 40.79 -17.37 -21.76
CA ASP D 62 40.36 -17.33 -25.57
CA SER D 63 43.92 -15.94 -25.94
CA VAL D 64 45.47 -19.12 -24.42
CA ARG D 65 43.01 -21.83 -25.59
CA GLY D 66 44.80 -24.57 -27.53
CA ARG D 67 48.25 -23.54 -26.21
CA PHE D 68 47.85 -23.74 -22.41
CA THR D 69 46.71 -26.71 -20.34
CA ILE D 70 45.78 -26.38 -16.68
CA SER D 71 45.82 -29.44 -14.40
CA ARG D 72 46.16 -30.41 -10.73
CA ASP D 73 47.48 -33.14 -8.49
CA ASN D 74 45.18 -33.63 -5.46
CA SER D 75 47.79 -35.91 -3.82
CA LYS D 76 50.77 -33.52 -3.93
CA ASN D 77 48.26 -30.61 -3.72
CA THR D 78 49.72 -28.77 -6.69
CA LEU D 79 48.33 -26.62 -9.53
CA PHE D 80 49.97 -26.70 -12.97
CA LEU D 81 50.01 -24.67 -16.15
CA GLN D 82 51.61 -26.27 -19.20
CA VAL D 83 52.37 -23.47 -21.61
CA THR D 84 53.09 -24.34 -25.25
CA SER D 85 53.70 -22.16 -28.32
CA LEU D 86 54.62 -19.16 -26.16
CA ARG D 87 54.44 -15.66 -27.66
CA ALA D 88 56.10 -12.34 -26.74
CA GLU D 89 52.65 -11.03 -25.60
CA ASP D 90 52.40 -13.91 -23.07
CA THR D 91 55.14 -12.16 -21.03
CA ALA D 92 53.67 -11.42 -17.58
CA VAL D 93 53.76 -12.38 -13.89
CA TYR D 94 51.56 -15.48 -13.45
CA TYR D 95 49.65 -15.96 -10.22
CA CYS D 96 47.68 -18.94 -8.98
CA ALA D 97 44.53 -18.10 -7.03
CA LYS D 98 42.32 -20.13 -4.72
CA GLU D 99 38.52 -19.79 -4.78
CA LEU D 100 37.49 -18.23 -1.45
CA SER D 101 36.06 -20.42 1.33
CA GLY D 102 33.50 -17.80 2.47
CA TYR D 103 32.77 -16.83 -1.17
CA ASP D 104 33.94 -18.92 -4.15
CA PRO D 105 33.53 -16.03 -6.73
CA GLY D 106 36.45 -14.34 -4.86
CA PHE D 107 40.15 -15.24 -4.53
CA GLU D 108 41.15 -15.43 -0.88
CA TYR D 109 44.70 -16.62 -1.45
CA TRP D 110 47.22 -15.88 -4.19
CA GLY D 111 50.63 -17.32 -5.08
CA GLN D 112 53.57 -14.85 -4.89
CA GLY D 113 53.63 -14.94 -8.72
CA THR D 114 56.20 -16.25 -11.18
CA PRO D 115 57.62 -14.23 -14.13
CA VAL D 116 57.22 -15.62 -17.67
CA THR D 117 59.47 -13.76 -20.13
CA VAL D 118 59.03 -14.81 -23.80
CA SER D 119 61.66 -13.08 -26.01
CA SER D 120 64.15 -14.09 -28.78
CA ASP E 1 31.81 -11.08 -21.25
CA ILE E 2 31.02 -8.81 -18.27
CA GLN E 3 33.20 -5.69 -18.31
CA MET E 4 34.17 -3.81 -15.14
CA THR E 5 34.92 -0.08 -15.07
CA GLN E 6 36.64 1.61 -12.11
CA SER E 7 36.62 5.32 -11.23
CA PRO E 8 38.71 7.27 -10.73
CA SER E 9 41.99 6.11 -12.35
CA THR E 10 43.93 7.57 -9.40
CA LEU E 11 43.31 9.48 -6.17
CA SER E 12 45.74 11.50 -4.05
CA ALA E 13 44.66 12.25 -0.46
CA SER E 14 46.09 13.12 2.95
CA VAL E 15 46.41 10.65 5.85
CA GLY E 16 43.06 10.51 7.69
CA ASP E 17 41.03 11.37 4.55
CA ARG E 18 38.04 9.33 3.40
CA VAL E 19 38.66 7.71 0.00
CA THR E 20 35.85 6.34 -2.19
CA ILE E 21 36.50 4.18 -5.26
CA THR E 22 33.68 3.02 -7.57
CA CYS E 23 33.32 -0.07 -9.77
CA ARG E 24 30.57 -0.48 -12.40
CA ALA E 25 29.51 -3.66 -14.18
CA SER E 26 28.14 -3.91 -17.73
CA GLN E 27 25.27 -6.08 -16.37
CA SER E 28 23.77 -7.01 -12.98
CA ILE E 29 26.17 -9.26 -11.03
CA ASN E 30 24.21 -9.33 -7.74
CA THR E 31 26.84 -9.09 -4.92
CA TRP E 32 29.60 -11.26 -6.47
CA LEU E 33 32.09 -8.40 -6.50
CA ALA E 34 35.51 -8.56 -4.81
CA TRP E 35 38.15 -5.91 -4.07
CA TYR E 36 41.90 -6.55 -4.13
CA GLN E 37 44.86 -4.41 -3.02
CA GLN E 38 48.17 -4.62 -4.90
CA LYS E 39 51.49 -3.14 -3.86
CA PRO E 40 54.04 -2.56 -6.73
CA GLY E 41 55.79 -5.85 -7.61
CA LYS E 42 53.61 -7.80 -5.12
CA ALA E 43 50.70 -10.23 -5.51
CA PRO E 44 47.10 -8.88 -5.12
CA LYS E 45 45.56 -9.27 -1.64
CA LEU E 46 41.84 -9.83 -1.05
CA LEU E 47 40.23 -7.08 1.04
CA ILE E 48 36.48 -7.48 0.46
CA TYR E 49 34.48 -10.39 -0.97
CA LYS E 50 30.76 -10.69 -1.82
CA ALA E 51 30.60 -6.86 -2.22
CA SER E 52 30.60 -6.12 1.56
CA SER E 53 32.33 -8.95 3.49
CA LEU E 54 35.57 -7.84 5.16
CA GLU E 55 38.32 -10.44 4.66
CA SER E 56 39.96 -11.89 7.81
CA GLY E 57 42.77 -9.66 9.19
CA VAL E 58 41.86 -6.67 6.96
CA PRO E 59 41.58 -3.33 8.87
CA SER E 60 37.99 -2.22 9.58
CA ARG E 61 38.61 1.15 7.86
CA PHE E 62 38.03 -0.79 4.60
CA SER E 63 34.36 -1.35 3.68
CA GLY E 64 32.46 -2.29 0.53
CA SER E 65 28.83 -1.70 -0.53
CA GLY E 66 26.59 -2.13 -3.57
CA SER E 67 24.57 -4.75 -5.45
CA GLY E 68 23.60 -5.07 -9.13
CA THR E 69 25.93 -2.82 -11.18
CA GLU E 70 27.30 -0.04 -8.93
CA PHE E 71 29.83 -0.89 -6.21
CA THR E 72 32.05 1.20 -3.91
CA LEU E 73 35.18 0.57 -1.85
CA THR E 74 35.67 3.03 1.03
CA ILE E 75 38.79 3.75 3.09
CA SER E 76 37.40 5.75 6.03
CA SER E 77 40.79 6.92 7.38
CA LEU E 78 43.55 6.74 4.76
CA GLN E 79 46.84 5.47 6.17
CA PRO E 80 50.38 5.59 4.60
CA ASP E 81 50.29 1.78 4.16
CA ASP E 82 47.13 2.14 2.02
CA PHE E 83 49.28 3.24 -0.93
CA ALA E 84 48.47 0.66 -3.63
CA THR E 85 46.38 -0.01 -6.73
CA TYR E 86 42.91 -1.36 -5.96
CA TYR E 87 41.05 -3.71 -8.29
CA CYS E 88 37.44 -4.91 -8.34
CA GLN E 89 36.49 -8.31 -9.77
CA GLN E 90 33.15 -9.85 -10.66
CA TYR E 91 32.57 -13.57 -10.16
CA GLU E 92 29.04 -13.84 -11.56
CA SER E 93 30.44 -15.13 -14.89
CA TYR E 94 34.06 -15.99 -15.83
CA ALA E 95 36.14 -13.69 -13.58
CA THR E 96 36.96 -10.24 -14.97
CA PHE E 97 38.76 -7.32 -13.27
CA GLY E 98 38.38 -3.54 -13.22
CA GLN E 99 41.38 -1.61 -14.64
CA GLY E 100 42.46 -0.47 -11.14
CA THR E 101 42.56 2.73 -9.09
CA LYS E 102 45.99 3.89 -7.89
CA VAL E 103 45.72 5.75 -4.57
CA ASP E 104 48.68 8.14 -4.24
CA ILE E 105 49.89 10.12 -1.23
CA LYS E 106 49.24 13.85 -1.47
#